data_4NCK
#
_entry.id   4NCK
#
_cell.length_a   49.669
_cell.length_b   68.065
_cell.length_c   202.900
_cell.angle_alpha   90.00
_cell.angle_beta   90.00
_cell.angle_gamma   90.00
#
_symmetry.space_group_name_H-M   'P 2 21 21'
#
loop_
_entity.id
_entity.type
_entity.pdbx_description
1 polymer 'DNA double-strand break repair Rad50 ATPase'
2 non-polymer 'SULFATE ION'
3 non-polymer 'CHLORIDE ION'
4 non-polymer 'MAGNESIUM ION'
5 water water
#
_entity_poly.entity_id   1
_entity_poly.type   'polypeptide(L)'
_entity_poly.pdbx_seq_one_letter_code
;MKLERVTVKNFRSHSDTVVEFKEGINLIIGQNGSGKSSLLDAILVGLYWPLRIKDIKKDEFTKVGARDTYIDLIFEKDGT
KYRITRRFLKGYSSGEIHAMKRLVGNEWKHVTEPSSKAISAFMEKLIPYNIFLNAIYIRQGQIDAILESDEAREKVVREV
LNLDKFETAYKKLSELKGGSGGTEELIEKVKKYKALAREAALSKIGELASEIFAEFTEGKYSEVVVRAEENKVRLFVVWE
GKERPLTFLSGGEGIALGLAFRLAMSLYLAGEISLLILDEPTPYLDEERRRKLITIMERYLKKIPQVILVSHDEELKDAA
DHVIRISLENGSSKVEVVS
;
_entity_poly.pdbx_strand_id   A,B
#
# COMPACT_ATOMS: atom_id res chain seq x y z
N MET A 1 21.82 13.30 -4.34
CA MET A 1 21.48 11.89 -4.12
C MET A 1 22.44 11.33 -3.05
N LYS A 2 21.89 11.01 -1.88
CA LYS A 2 22.70 10.44 -0.81
C LYS A 2 21.93 9.25 -0.23
N LEU A 3 22.53 8.07 -0.20
CA LEU A 3 21.90 6.90 0.38
C LEU A 3 22.01 7.01 1.88
N GLU A 4 20.97 6.57 2.57
CA GLU A 4 21.02 6.53 4.04
C GLU A 4 21.08 5.07 4.55
N ARG A 5 20.10 4.25 4.20
CA ARG A 5 20.05 2.90 4.72
C ARG A 5 19.46 1.96 3.69
N VAL A 6 20.06 0.79 3.55
CA VAL A 6 19.45 -0.28 2.78
C VAL A 6 19.25 -1.46 3.67
N THR A 7 18.05 -1.99 3.59
CA THR A 7 17.72 -3.25 4.24
C THR A 7 17.42 -4.28 3.16
N VAL A 8 18.03 -5.45 3.27
CA VAL A 8 17.79 -6.52 2.32
C VAL A 8 17.54 -7.81 3.06
N LYS A 9 16.43 -8.47 2.74
CA LYS A 9 16.12 -9.74 3.37
C LYS A 9 15.74 -10.79 2.34
N ASN A 10 16.36 -11.96 2.47
CA ASN A 10 16.09 -13.10 1.60
C ASN A 10 16.37 -12.80 0.12
N PHE A 11 17.57 -12.32 -0.13
CA PHE A 11 18.08 -12.14 -1.48
C PHE A 11 19.52 -12.65 -1.45
N ARG A 12 19.75 -13.76 -2.15
CA ARG A 12 21.06 -14.41 -2.23
C ARG A 12 21.54 -14.74 -0.80
N SER A 13 22.71 -14.28 -0.38
CA SER A 13 23.24 -14.67 0.94
C SER A 13 22.72 -13.71 2.04
N HIS A 14 21.86 -12.77 1.66
CA HIS A 14 21.31 -11.79 2.59
C HIS A 14 20.04 -12.33 3.21
N SER A 15 20.11 -12.78 4.46
CA SER A 15 18.90 -13.19 5.19
C SER A 15 18.30 -11.93 5.81
N ASP A 16 19.13 -11.09 6.42
CA ASP A 16 18.66 -9.84 7.07
C ASP A 16 19.82 -8.90 7.22
N THR A 17 20.02 -8.09 6.20
CA THR A 17 21.22 -7.26 6.05
C THR A 17 20.75 -5.83 6.16
N VAL A 18 21.37 -5.08 7.05
CA VAL A 18 21.11 -3.64 7.11
C VAL A 18 22.43 -2.91 7.00
N VAL A 19 22.50 -1.97 6.06
CA VAL A 19 23.70 -1.18 5.90
C VAL A 19 23.30 0.27 5.95
N GLU A 20 24.03 1.01 6.76
CA GLU A 20 23.79 2.46 6.94
C GLU A 20 24.92 3.23 6.26
N PHE A 21 24.60 4.10 5.31
CA PHE A 21 25.61 4.96 4.66
C PHE A 21 25.59 6.38 5.19
N LYS A 22 26.74 7.02 5.20
CA LYS A 22 26.90 8.37 5.75
C LYS A 22 27.57 9.25 4.72
N GLU A 23 27.91 10.47 5.13
CA GLU A 23 28.64 11.39 4.26
C GLU A 23 30.05 10.90 3.88
N GLY A 24 30.55 11.39 2.74
CA GLY A 24 31.94 11.12 2.41
C GLY A 24 32.14 9.70 1.84
N ILE A 25 33.34 9.18 1.99
CA ILE A 25 33.70 7.90 1.38
C ILE A 25 33.32 6.73 2.29
N ASN A 26 32.38 5.93 1.82
CA ASN A 26 31.97 4.71 2.50
C ASN A 26 32.58 3.49 1.82
N LEU A 27 33.52 2.87 2.53
CA LEU A 27 34.17 1.68 2.05
C LEU A 27 33.47 0.43 2.56
N ILE A 28 32.98 -0.37 1.62
CA ILE A 28 32.40 -1.67 1.92
CA ILE A 28 32.41 -1.67 1.93
C ILE A 28 33.43 -2.74 1.55
N ILE A 29 34.04 -3.34 2.57
CA ILE A 29 35.08 -4.34 2.42
C ILE A 29 34.53 -5.72 2.69
N GLY A 30 35.09 -6.71 2.02
CA GLY A 30 34.58 -8.05 2.17
C GLY A 30 35.29 -8.91 1.17
N GLN A 31 35.40 -10.17 1.51
CA GLN A 31 35.95 -11.14 0.59
C GLN A 31 34.95 -11.45 -0.51
N ASN A 32 35.47 -11.97 -1.62
CA ASN A 32 34.63 -12.60 -2.63
C ASN A 32 33.58 -13.53 -2.03
N GLY A 33 32.34 -13.34 -2.43
CA GLY A 33 31.24 -14.14 -1.90
C GLY A 33 30.67 -13.65 -0.56
N SER A 34 31.21 -12.56 -0.04
CA SER A 34 30.73 -12.03 1.23
C SER A 34 29.27 -11.56 1.16
N GLY A 35 28.81 -11.20 -0.04
CA GLY A 35 27.56 -10.48 -0.22
C GLY A 35 27.71 -8.99 -0.56
N LYS A 36 28.94 -8.49 -0.59
CA LYS A 36 29.10 -7.05 -0.84
C LYS A 36 28.60 -6.69 -2.27
N SER A 37 28.80 -7.57 -3.21
CA SER A 37 28.38 -7.35 -4.61
C SER A 37 26.84 -7.40 -4.81
N SER A 38 26.24 -8.42 -4.20
CA SER A 38 24.80 -8.58 -4.20
C SER A 38 24.07 -7.44 -3.47
N LEU A 39 24.71 -6.87 -2.47
CA LEU A 39 24.20 -5.67 -1.80
C LEU A 39 23.92 -4.51 -2.78
N LEU A 40 24.91 -4.25 -3.62
CA LEU A 40 24.79 -3.20 -4.65
C LEU A 40 23.72 -3.55 -5.66
N ASP A 41 23.75 -4.82 -6.07
CA ASP A 41 22.64 -5.27 -6.92
C ASP A 41 21.27 -5.01 -6.31
N ALA A 42 21.13 -5.28 -5.00
CA ALA A 42 19.86 -5.08 -4.32
C ALA A 42 19.52 -3.59 -4.27
N ILE A 43 20.53 -2.74 -4.08
CA ILE A 43 20.26 -1.29 -4.18
C ILE A 43 19.71 -0.85 -5.57
N LEU A 44 20.38 -1.31 -6.61
CA LEU A 44 19.98 -0.97 -7.99
C LEU A 44 18.57 -1.46 -8.32
N VAL A 45 18.30 -2.70 -7.90
CA VAL A 45 16.97 -3.25 -8.08
C VAL A 45 15.93 -2.53 -7.25
N GLY A 46 16.28 -2.20 -6.00
CA GLY A 46 15.35 -1.47 -5.17
C GLY A 46 14.97 -0.14 -5.80
N LEU A 47 15.96 0.55 -6.35
CA LEU A 47 15.71 1.81 -7.06
C LEU A 47 14.88 1.67 -8.33
N TYR A 48 15.25 0.73 -9.19
CA TYR A 48 14.76 0.76 -10.58
C TYR A 48 13.92 -0.42 -11.04
N TRP A 49 13.52 -1.28 -10.12
CA TRP A 49 12.57 -2.34 -10.44
C TRP A 49 11.42 -1.73 -11.21
N PRO A 50 10.96 -2.38 -12.29
CA PRO A 50 11.32 -3.70 -12.81
C PRO A 50 12.35 -3.64 -13.95
N LEU A 51 13.09 -2.56 -14.05
CA LEU A 51 14.00 -2.38 -15.20
C LEU A 51 15.22 -3.26 -15.01
N ARG A 52 15.85 -3.64 -16.12
CA ARG A 52 16.94 -4.62 -16.08
C ARG A 52 18.16 -4.15 -15.32
N ILE A 53 18.57 -4.97 -14.37
CA ILE A 53 19.84 -4.78 -13.68
C ILE A 53 20.75 -5.95 -14.07
N LYS A 54 21.83 -5.61 -14.75
CA LYS A 54 22.79 -6.59 -15.22
C LYS A 54 22.11 -7.78 -15.89
N ASP A 55 22.28 -8.98 -15.35
CA ASP A 55 21.62 -10.17 -15.91
C ASP A 55 20.63 -10.77 -14.90
N ILE A 56 20.23 -9.97 -13.91
CA ILE A 56 19.41 -10.51 -12.83
C ILE A 56 17.98 -10.79 -13.32
N LYS A 57 17.46 -11.98 -13.02
CA LYS A 57 16.13 -12.35 -13.47
C LYS A 57 15.09 -11.90 -12.46
N LYS A 58 13.97 -11.40 -12.98
CA LYS A 58 12.82 -11.03 -12.17
C LYS A 58 12.43 -12.20 -11.28
N ASP A 59 12.52 -13.39 -11.84
CA ASP A 59 12.13 -14.63 -11.18
C ASP A 59 12.91 -14.85 -9.88
N GLU A 60 14.14 -14.34 -9.83
CA GLU A 60 14.95 -14.49 -8.62
C GLU A 60 14.31 -13.73 -7.45
N PHE A 61 13.50 -12.72 -7.75
CA PHE A 61 12.80 -11.96 -6.72
C PHE A 61 11.36 -12.45 -6.51
N THR A 62 10.67 -12.77 -7.60
CA THR A 62 9.25 -13.12 -7.55
C THR A 62 9.01 -14.60 -7.33
N LYS A 63 10.03 -15.43 -7.56
CA LYS A 63 9.85 -16.88 -7.63
C LYS A 63 10.66 -17.70 -6.62
N VAL A 64 11.97 -17.48 -6.56
CA VAL A 64 12.85 -18.23 -5.65
C VAL A 64 12.22 -18.28 -4.25
N GLY A 65 11.45 -19.35 -4.02
CA GLY A 65 10.36 -19.38 -3.05
C GLY A 65 10.70 -19.55 -1.59
N ALA A 66 9.66 -19.58 -0.76
CA ALA A 66 9.76 -19.59 0.70
C ALA A 66 10.40 -18.31 1.22
N ARG A 67 9.82 -17.72 2.26
CA ARG A 67 10.35 -16.49 2.86
C ARG A 67 10.22 -15.26 1.93
N ASP A 68 9.58 -14.21 2.43
CA ASP A 68 9.40 -12.98 1.65
C ASP A 68 10.75 -12.39 1.28
N THR A 69 10.87 -11.83 0.08
CA THR A 69 12.04 -11.01 -0.23
C THR A 69 11.67 -9.56 -0.02
N TYR A 70 12.58 -8.81 0.58
CA TYR A 70 12.26 -7.48 1.04
C TYR A 70 13.46 -6.58 0.79
N ILE A 71 13.18 -5.43 0.18
CA ILE A 71 14.19 -4.40 -0.01
C ILE A 71 13.60 -3.08 0.40
N ASP A 72 14.32 -2.39 1.28
CA ASP A 72 13.89 -1.10 1.77
C ASP A 72 15.10 -0.19 1.65
N LEU A 73 14.89 0.94 0.99
CA LEU A 73 15.95 1.90 0.68
CA LEU A 73 15.95 1.88 0.70
C LEU A 73 15.51 3.28 1.07
N ILE A 74 16.30 3.92 1.93
CA ILE A 74 16.09 5.30 2.34
C ILE A 74 17.21 6.12 1.73
N PHE A 75 16.86 7.22 1.09
CA PHE A 75 17.88 8.10 0.48
C PHE A 75 17.36 9.52 0.45
N GLU A 76 18.26 10.46 0.25
CA GLU A 76 17.90 11.84 0.30
C GLU A 76 18.24 12.43 -1.08
N LYS A 77 17.37 13.31 -1.58
CA LYS A 77 17.62 14.04 -2.81
C LYS A 77 16.90 15.36 -2.80
N ASP A 78 17.68 16.42 -3.02
CA ASP A 78 17.19 17.78 -3.06
C ASP A 78 16.44 18.22 -1.81
N GLY A 79 16.96 17.89 -0.62
CA GLY A 79 16.37 18.32 0.62
C GLY A 79 15.16 17.50 1.07
N THR A 80 14.79 16.48 0.29
CA THR A 80 13.73 15.57 0.68
C THR A 80 14.24 14.13 0.93
N LYS A 81 13.78 13.54 2.03
CA LYS A 81 14.09 12.14 2.30
C LYS A 81 13.01 11.22 1.75
N TYR A 82 13.45 10.21 0.99
CA TYR A 82 12.59 9.26 0.32
C TYR A 82 12.85 7.86 0.82
N ARG A 83 11.83 7.02 0.64
CA ARG A 83 11.93 5.63 1.04
C ARG A 83 11.19 4.76 0.05
N ILE A 84 11.91 3.81 -0.52
CA ILE A 84 11.29 2.85 -1.45
C ILE A 84 11.31 1.49 -0.78
N THR A 85 10.14 0.85 -0.77
CA THR A 85 9.99 -0.44 -0.14
C THR A 85 9.39 -1.42 -1.14
N ARG A 86 10.05 -2.55 -1.30
CA ARG A 86 9.55 -3.60 -2.17
C ARG A 86 9.51 -4.91 -1.45
N ARG A 87 8.35 -5.53 -1.50
CA ARG A 87 8.11 -6.79 -0.82
C ARG A 87 7.54 -7.83 -1.76
N PHE A 88 8.26 -8.94 -1.90
CA PHE A 88 7.87 -10.06 -2.74
C PHE A 88 7.44 -11.20 -1.84
N LEU A 89 6.12 -11.35 -1.70
CA LEU A 89 5.51 -12.22 -0.70
C LEU A 89 5.66 -13.67 -1.10
N LYS A 90 6.01 -14.50 -0.12
CA LYS A 90 6.16 -15.94 -0.33
C LYS A 90 5.71 -16.71 0.93
N GLY A 91 5.82 -18.04 0.88
CA GLY A 91 5.56 -18.90 2.02
C GLY A 91 4.17 -18.78 2.64
N TYR A 92 3.15 -18.98 1.80
CA TYR A 92 1.72 -18.86 2.14
C TYR A 92 1.12 -17.67 1.40
N SER A 93 1.44 -16.45 1.85
CA SER A 93 1.02 -15.25 1.16
C SER A 93 1.66 -15.23 -0.23
N SER A 94 1.21 -14.32 -1.09
CA SER A 94 1.78 -14.20 -2.44
C SER A 94 1.54 -12.83 -3.08
N GLY A 95 2.36 -12.49 -4.06
CA GLY A 95 2.24 -11.23 -4.77
C GLY A 95 3.36 -10.26 -4.48
N GLU A 96 3.14 -9.00 -4.85
CA GLU A 96 4.13 -7.96 -4.72
C GLU A 96 3.51 -6.73 -4.05
N ILE A 97 4.28 -6.06 -3.22
CA ILE A 97 3.86 -4.81 -2.62
C ILE A 97 4.98 -3.80 -2.83
N HIS A 98 4.63 -2.65 -3.39
CA HIS A 98 5.59 -1.59 -3.69
C HIS A 98 5.09 -0.27 -3.15
N ALA A 99 5.98 0.47 -2.50
CA ALA A 99 5.62 1.80 -2.04
C ALA A 99 6.79 2.73 -2.11
N MET A 100 6.48 4.00 -2.37
CA MET A 100 7.47 5.04 -2.30
C MET A 100 6.97 6.25 -1.53
N LYS A 101 7.73 6.61 -0.50
CA LYS A 101 7.28 7.60 0.46
C LYS A 101 8.31 8.69 0.59
N ARG A 102 7.87 9.83 1.08
CA ARG A 102 8.77 10.87 1.54
C ARG A 102 8.47 11.20 2.99
N LEU A 103 9.50 11.62 3.69
CA LEU A 103 9.37 11.97 5.09
C LEU A 103 8.81 13.36 5.28
N VAL A 104 7.71 13.42 6.01
CA VAL A 104 7.04 14.68 6.31
C VAL A 104 6.98 14.74 7.85
N GLY A 105 7.86 15.55 8.44
CA GLY A 105 8.00 15.60 9.89
C GLY A 105 8.49 14.22 10.32
N ASN A 106 7.63 13.45 10.96
CA ASN A 106 7.95 12.10 11.41
C ASN A 106 7.27 10.99 10.68
N GLU A 107 6.41 11.38 9.77
CA GLU A 107 5.56 10.46 9.06
C GLU A 107 6.02 10.24 7.65
N TRP A 108 6.01 9.00 7.22
CA TRP A 108 6.29 8.66 5.83
C TRP A 108 4.98 8.77 5.08
N LYS A 109 4.95 9.62 4.06
CA LYS A 109 3.74 9.82 3.25
C LYS A 109 4.03 9.37 1.81
N HIS A 110 3.09 8.66 1.21
CA HIS A 110 3.26 8.15 -0.14
C HIS A 110 3.49 9.31 -1.07
N VAL A 111 4.45 9.19 -1.97
CA VAL A 111 4.71 10.26 -2.94
C VAL A 111 4.05 9.96 -4.27
N THR A 112 3.70 8.71 -4.47
CA THR A 112 2.82 8.39 -5.57
C THR A 112 2.01 7.14 -5.18
N GLU A 113 1.19 6.68 -6.11
CA GLU A 113 0.40 5.48 -5.91
C GLU A 113 1.38 4.34 -5.60
N PRO A 114 1.05 3.47 -4.62
CA PRO A 114 1.93 2.34 -4.31
C PRO A 114 1.77 1.24 -5.36
N SER A 115 2.32 1.48 -6.53
CA SER A 115 2.38 0.48 -7.61
C SER A 115 3.75 0.60 -8.29
N SER A 116 4.25 -0.48 -8.87
CA SER A 116 5.58 -0.42 -9.50
C SER A 116 5.60 0.56 -10.67
N LYS A 117 4.50 0.61 -11.42
CA LYS A 117 4.34 1.54 -12.54
C LYS A 117 4.54 2.99 -12.13
N ALA A 118 3.77 3.42 -11.12
CA ALA A 118 3.81 4.80 -10.66
C ALA A 118 5.17 5.12 -10.02
N ILE A 119 5.72 4.17 -9.30
CA ILE A 119 7.01 4.41 -8.69
C ILE A 119 8.11 4.55 -9.77
N SER A 120 8.07 3.69 -10.79
CA SER A 120 9.01 3.81 -11.92
C SER A 120 8.91 5.17 -12.57
N ALA A 121 7.66 5.58 -12.85
CA ALA A 121 7.43 6.89 -13.45
C ALA A 121 8.00 8.00 -12.59
N PHE A 122 7.82 7.91 -11.27
CA PHE A 122 8.34 8.95 -10.40
C PHE A 122 9.88 8.99 -10.37
N MET A 123 10.46 7.80 -10.31
CA MET A 123 11.89 7.69 -10.28
C MET A 123 12.51 8.23 -11.59
N GLU A 124 11.85 8.06 -12.73
CA GLU A 124 12.37 8.69 -13.94
C GLU A 124 12.40 10.22 -13.85
N LYS A 125 11.53 10.85 -13.06
CA LYS A 125 11.55 12.29 -12.91
CA LYS A 125 11.56 12.29 -12.90
C LYS A 125 12.60 12.70 -11.87
N LEU A 126 12.77 11.86 -10.87
CA LEU A 126 13.72 12.17 -9.82
C LEU A 126 15.15 11.92 -10.24
N ILE A 127 15.44 10.70 -10.65
CA ILE A 127 16.77 10.37 -11.07
C ILE A 127 16.74 9.20 -12.06
N PRO A 128 16.81 9.53 -13.36
CA PRO A 128 16.58 8.50 -14.37
C PRO A 128 17.56 7.34 -14.30
N TYR A 129 17.00 6.19 -14.59
CA TYR A 129 17.69 4.91 -14.68
C TYR A 129 19.04 4.96 -15.41
N ASN A 130 19.05 5.55 -16.59
CA ASN A 130 20.26 5.55 -17.39
C ASN A 130 21.34 6.42 -16.74
N ILE A 131 20.95 7.48 -16.04
CA ILE A 131 21.88 8.31 -15.27
C ILE A 131 22.48 7.57 -14.07
N PHE A 132 21.63 6.95 -13.28
CA PHE A 132 22.13 6.20 -12.15
C PHE A 132 23.01 5.06 -12.60
N LEU A 133 22.55 4.33 -13.60
CA LEU A 133 23.28 3.14 -13.98
C LEU A 133 24.54 3.46 -14.73
N ASN A 134 24.59 4.62 -15.40
CA ASN A 134 25.83 4.93 -16.10
C ASN A 134 26.70 6.06 -15.54
N ALA A 135 26.12 6.99 -14.79
CA ALA A 135 26.87 8.13 -14.23
C ALA A 135 27.28 7.93 -12.77
N ILE A 136 26.33 7.46 -11.99
CA ILE A 136 26.56 7.27 -10.57
C ILE A 136 27.25 5.93 -10.29
N TYR A 137 26.72 4.89 -10.92
CA TYR A 137 27.23 3.55 -10.71
C TYR A 137 28.29 3.21 -11.73
N ILE A 138 29.49 2.92 -11.24
CA ILE A 138 30.60 2.53 -12.06
C ILE A 138 30.84 1.01 -11.91
N ARG A 139 30.43 0.25 -12.93
CA ARG A 139 30.52 -1.22 -12.93
C ARG A 139 31.98 -1.72 -12.96
N GLN A 140 32.24 -2.83 -12.25
CA GLN A 140 33.55 -3.46 -12.26
C GLN A 140 33.98 -3.76 -13.68
N GLY A 141 35.25 -3.51 -13.97
CA GLY A 141 35.83 -3.77 -15.28
C GLY A 141 35.88 -2.54 -16.17
N GLN A 142 35.08 -1.52 -15.87
CA GLN A 142 35.02 -0.36 -16.79
C GLN A 142 36.31 0.46 -16.82
N ILE A 143 36.88 0.68 -15.64
CA ILE A 143 38.09 1.50 -15.53
C ILE A 143 39.24 0.80 -16.24
N ASP A 144 39.35 -0.50 -16.03
CA ASP A 144 40.41 -1.26 -16.69
C ASP A 144 40.17 -1.31 -18.20
N ALA A 145 38.91 -1.51 -18.58
CA ALA A 145 38.55 -1.59 -19.99
C ALA A 145 38.98 -0.30 -20.71
N ILE A 146 38.71 0.86 -20.12
CA ILE A 146 39.23 2.13 -20.66
C ILE A 146 40.74 2.12 -20.94
N LEU A 147 41.51 1.53 -20.04
CA LEU A 147 42.96 1.45 -20.18
C LEU A 147 43.42 0.26 -21.00
N GLU A 148 42.57 -0.73 -21.22
CA GLU A 148 42.98 -1.90 -22.00
C GLU A 148 43.53 -1.57 -23.39
N SER A 149 42.68 -0.99 -24.23
CA SER A 149 43.03 -0.74 -25.61
C SER A 149 42.12 0.34 -26.16
N ASP A 150 42.19 0.57 -27.47
CA ASP A 150 41.34 1.57 -28.12
C ASP A 150 39.96 0.99 -28.44
N GLU A 151 39.95 -0.29 -28.79
CA GLU A 151 38.72 -1.03 -29.08
C GLU A 151 37.83 -1.21 -27.83
N ALA A 152 38.46 -1.57 -26.72
CA ALA A 152 37.72 -1.83 -25.47
C ALA A 152 37.19 -0.51 -24.92
N ARG A 153 38.05 0.50 -24.99
CA ARG A 153 37.67 1.87 -24.70
C ARG A 153 36.43 2.24 -25.52
N GLU A 154 36.51 2.01 -26.83
CA GLU A 154 35.33 2.20 -27.68
C GLU A 154 34.09 1.48 -27.12
N LYS A 155 34.25 0.20 -26.80
CA LYS A 155 33.14 -0.54 -26.20
C LYS A 155 32.60 0.10 -24.89
N VAL A 156 33.49 0.59 -24.02
CA VAL A 156 32.99 1.13 -22.74
C VAL A 156 32.22 2.43 -22.99
N VAL A 157 32.73 3.23 -23.92
CA VAL A 157 32.08 4.47 -24.30
C VAL A 157 30.70 4.21 -24.89
N ARG A 158 30.64 3.26 -25.82
CA ARG A 158 29.36 2.89 -26.42
C ARG A 158 28.40 2.41 -25.36
N GLU A 159 28.89 1.62 -24.41
CA GLU A 159 28.03 1.16 -23.32
C GLU A 159 27.52 2.32 -22.43
N VAL A 160 28.45 3.13 -21.93
CA VAL A 160 28.08 4.14 -20.95
C VAL A 160 27.21 5.26 -21.57
N LEU A 161 27.54 5.65 -22.82
CA LEU A 161 26.86 6.77 -23.45
C LEU A 161 25.55 6.43 -24.17
N ASN A 162 25.18 5.16 -24.22
CA ASN A 162 23.84 4.78 -24.67
C ASN A 162 23.01 4.24 -23.50
N LYS A 189 20.80 12.87 -43.27
CA LYS A 189 20.37 13.97 -42.41
C LYS A 189 20.35 13.55 -40.94
N VAL A 190 20.03 12.28 -40.71
CA VAL A 190 20.04 11.70 -39.37
C VAL A 190 21.41 11.06 -39.07
N LYS A 191 22.02 10.47 -40.10
CA LYS A 191 23.36 9.92 -40.00
C LYS A 191 24.36 11.03 -39.67
N LYS A 192 24.15 12.17 -40.32
CA LYS A 192 24.91 13.39 -40.06
C LYS A 192 24.76 13.84 -38.61
N TYR A 193 23.50 13.94 -38.18
CA TYR A 193 23.18 14.25 -36.78
C TYR A 193 23.88 13.31 -35.78
N LYS A 194 23.79 12.00 -36.04
CA LYS A 194 24.41 11.01 -35.15
C LYS A 194 25.94 11.17 -35.11
N ALA A 195 26.54 11.26 -36.29
CA ALA A 195 27.99 11.43 -36.40
C ALA A 195 28.47 12.69 -35.65
N LEU A 196 27.75 13.79 -35.87
CA LEU A 196 28.02 15.03 -35.15
C LEU A 196 27.90 14.84 -33.63
N ALA A 197 26.78 14.30 -33.17
CA ALA A 197 26.60 14.04 -31.75
C ALA A 197 27.76 13.22 -31.17
N ARG A 198 28.18 12.16 -31.87
CA ARG A 198 29.29 11.36 -31.36
C ARG A 198 30.61 12.15 -31.29
N GLU A 199 30.93 12.89 -32.36
CA GLU A 199 32.15 13.70 -32.36
C GLU A 199 32.14 14.71 -31.18
N ALA A 200 31.03 15.42 -31.05
CA ALA A 200 30.87 16.38 -29.96
C ALA A 200 31.04 15.70 -28.59
N ALA A 201 30.38 14.56 -28.40
CA ALA A 201 30.48 13.83 -27.12
C ALA A 201 31.93 13.51 -26.77
N LEU A 202 32.62 12.92 -27.74
CA LEU A 202 34.02 12.53 -27.52
C LEU A 202 34.88 13.74 -27.15
N SER A 203 34.69 14.84 -27.89
CA SER A 203 35.42 16.08 -27.56
C SER A 203 35.14 16.67 -26.15
N LYS A 204 33.86 16.76 -25.81
CA LYS A 204 33.49 17.22 -24.46
C LYS A 204 34.10 16.29 -23.37
N ILE A 205 34.02 14.99 -23.58
CA ILE A 205 34.61 14.08 -22.61
C ILE A 205 36.10 14.36 -22.51
N GLY A 206 36.76 14.59 -23.64
CA GLY A 206 38.17 14.98 -23.62
C GLY A 206 38.51 16.22 -22.80
N GLU A 207 37.75 17.30 -23.00
CA GLU A 207 37.90 18.46 -22.13
C GLU A 207 37.70 18.16 -20.60
N LEU A 208 36.59 17.50 -20.27
CA LEU A 208 36.33 17.13 -18.87
C LEU A 208 37.47 16.29 -18.27
N ALA A 209 37.87 15.23 -19.00
CA ALA A 209 38.93 14.35 -18.55
C ALA A 209 40.25 15.10 -18.43
N SER A 210 40.49 16.05 -19.35
CA SER A 210 41.68 16.89 -19.22
C SER A 210 41.68 17.60 -17.89
N GLU A 211 40.56 18.26 -17.56
CA GLU A 211 40.50 18.96 -16.28
C GLU A 211 40.71 17.99 -15.09
N ILE A 212 39.98 16.87 -15.07
CA ILE A 212 40.11 15.92 -13.96
C ILE A 212 41.52 15.32 -13.85
N PHE A 213 41.99 14.71 -14.93
CA PHE A 213 43.31 14.12 -14.98
C PHE A 213 44.39 15.13 -14.64
N ALA A 214 44.20 16.37 -15.10
CA ALA A 214 45.09 17.45 -14.71
C ALA A 214 45.08 17.57 -13.20
N GLU A 215 43.89 17.68 -12.63
CA GLU A 215 43.76 17.67 -11.18
C GLU A 215 44.52 16.48 -10.54
N PHE A 216 44.28 15.27 -11.07
CA PHE A 216 44.78 14.05 -10.45
C PHE A 216 46.32 13.98 -10.43
N THR A 217 46.98 14.47 -11.48
CA THR A 217 48.43 14.40 -11.55
C THR A 217 49.10 15.72 -11.18
N GLU A 218 48.40 16.52 -10.37
CA GLU A 218 48.94 17.76 -9.81
C GLU A 218 49.49 18.71 -10.87
N GLY A 219 49.02 18.55 -12.11
CA GLY A 219 49.40 19.43 -13.20
C GLY A 219 50.44 18.87 -14.15
N LYS A 220 50.96 17.67 -13.87
CA LYS A 220 51.98 17.09 -14.75
C LYS A 220 51.47 17.05 -16.18
N TYR A 221 50.30 16.43 -16.37
CA TYR A 221 49.60 16.47 -17.65
C TYR A 221 48.45 17.44 -17.47
N SER A 222 48.11 18.19 -18.52
CA SER A 222 46.97 19.09 -18.45
C SER A 222 46.07 19.00 -19.69
N GLU A 223 46.37 18.03 -20.56
CA GLU A 223 45.48 17.70 -21.66
C GLU A 223 45.40 16.19 -21.88
N VAL A 224 44.18 15.74 -22.14
CA VAL A 224 43.89 14.36 -22.53
C VAL A 224 43.20 14.43 -23.90
N VAL A 225 43.81 13.80 -24.91
CA VAL A 225 43.29 13.79 -26.28
C VAL A 225 42.47 12.54 -26.53
N VAL A 226 41.28 12.74 -27.08
CA VAL A 226 40.35 11.64 -27.40
C VAL A 226 40.00 11.75 -28.88
N ARG A 227 40.28 10.69 -29.65
CA ARG A 227 40.01 10.71 -31.08
C ARG A 227 39.27 9.47 -31.54
N ALA A 228 38.00 9.61 -31.92
CA ALA A 228 37.26 8.51 -32.52
C ALA A 228 37.86 8.13 -33.87
N GLU A 229 37.95 6.84 -34.18
CA GLU A 229 38.48 6.40 -35.46
C GLU A 229 38.08 4.96 -35.77
N GLU A 230 36.85 4.78 -36.25
CA GLU A 230 36.37 3.49 -36.76
C GLU A 230 36.36 2.38 -35.70
N ASN A 231 35.25 2.29 -34.97
CA ASN A 231 35.10 1.30 -33.90
C ASN A 231 36.26 1.40 -32.90
N LYS A 232 36.75 2.63 -32.72
CA LYS A 232 37.88 2.90 -31.86
C LYS A 232 37.78 4.28 -31.20
N VAL A 233 38.17 4.32 -29.93
CA VAL A 233 38.43 5.59 -29.27
C VAL A 233 39.92 5.67 -28.95
N ARG A 234 40.59 6.58 -29.61
CA ARG A 234 42.01 6.74 -29.38
C ARG A 234 42.10 7.65 -28.18
N LEU A 235 42.99 7.30 -27.26
CA LEU A 235 43.21 8.12 -26.09
C LEU A 235 44.69 8.39 -26.02
N PHE A 236 45.06 9.65 -25.90
CA PHE A 236 46.47 10.02 -25.80
C PHE A 236 46.69 11.00 -24.66
N VAL A 237 47.82 10.84 -23.98
CA VAL A 237 48.23 11.78 -22.94
C VAL A 237 49.03 12.91 -23.58
N VAL A 238 48.97 14.10 -22.98
CA VAL A 238 49.74 15.24 -23.44
C VAL A 238 50.91 15.50 -22.52
N TRP A 239 52.12 15.27 -23.04
CA TRP A 239 53.35 15.54 -22.32
C TRP A 239 54.32 16.20 -23.28
N GLU A 240 54.75 17.42 -22.96
CA GLU A 240 55.63 18.18 -23.81
C GLU A 240 54.94 18.47 -25.14
N GLY A 241 53.64 18.77 -25.08
CA GLY A 241 52.89 19.18 -26.26
C GLY A 241 52.91 18.14 -27.37
N LYS A 242 53.18 16.88 -27.01
CA LYS A 242 53.20 15.79 -27.96
C LYS A 242 52.24 14.70 -27.51
N GLU A 243 51.44 14.18 -28.43
CA GLU A 243 50.52 13.09 -28.12
C GLU A 243 51.29 11.80 -27.85
N ARG A 244 51.26 11.36 -26.58
CA ARG A 244 51.88 10.11 -26.17
C ARG A 244 50.81 9.06 -25.97
N PRO A 245 51.12 7.79 -26.33
CA PRO A 245 50.16 6.72 -26.05
C PRO A 245 50.10 6.42 -24.57
N LEU A 246 49.09 5.67 -24.13
CA LEU A 246 48.91 5.37 -22.72
C LEU A 246 50.00 4.41 -22.22
N THR A 247 50.83 3.91 -23.15
CA THR A 247 51.97 3.06 -22.81
C THR A 247 53.07 3.86 -22.09
N PHE A 248 53.04 5.18 -22.24
CA PHE A 248 54.03 6.06 -21.62
C PHE A 248 53.87 6.16 -20.11
N LEU A 249 52.70 5.74 -19.61
CA LEU A 249 52.32 5.99 -18.22
C LEU A 249 52.72 4.88 -17.24
N SER A 250 53.18 5.28 -16.06
CA SER A 250 53.31 4.35 -14.94
C SER A 250 51.91 3.86 -14.54
N GLY A 251 51.85 2.82 -13.70
CA GLY A 251 50.59 2.21 -13.32
C GLY A 251 49.63 3.17 -12.62
N GLY A 252 50.20 3.95 -11.70
CA GLY A 252 49.44 4.95 -10.96
C GLY A 252 48.76 5.91 -11.90
N GLU A 253 49.56 6.70 -12.62
CA GLU A 253 48.97 7.66 -13.55
C GLU A 253 48.03 6.94 -14.54
N GLY A 254 48.27 5.66 -14.76
CA GLY A 254 47.29 4.85 -15.49
C GLY A 254 45.92 4.83 -14.82
N ILE A 255 45.86 4.28 -13.60
CA ILE A 255 44.57 4.20 -12.92
C ILE A 255 43.95 5.60 -12.77
N ALA A 256 44.81 6.59 -12.55
CA ALA A 256 44.38 7.99 -12.60
C ALA A 256 43.66 8.34 -13.90
N LEU A 257 44.29 8.07 -15.04
CA LEU A 257 43.70 8.40 -16.35
C LEU A 257 42.38 7.66 -16.61
N GLY A 258 42.34 6.39 -16.23
CA GLY A 258 41.14 5.59 -16.42
C GLY A 258 39.98 6.09 -15.56
N LEU A 259 40.30 6.40 -14.32
CA LEU A 259 39.30 6.95 -13.42
C LEU A 259 38.83 8.34 -13.92
N ALA A 260 39.80 9.16 -14.32
CA ALA A 260 39.49 10.52 -14.79
C ALA A 260 38.61 10.45 -16.04
N PHE A 261 38.92 9.54 -16.94
CA PHE A 261 38.14 9.39 -18.16
C PHE A 261 36.71 8.90 -17.85
N ARG A 262 36.63 7.86 -17.00
CA ARG A 262 35.33 7.37 -16.53
C ARG A 262 34.47 8.44 -15.83
N LEU A 263 35.09 9.25 -14.98
CA LEU A 263 34.35 10.29 -14.27
C LEU A 263 33.93 11.43 -15.22
N ALA A 264 34.79 11.75 -16.20
CA ALA A 264 34.45 12.68 -17.28
C ALA A 264 33.18 12.21 -17.97
N MET A 265 33.10 10.90 -18.22
CA MET A 265 31.87 10.37 -18.83
C MET A 265 30.61 10.51 -17.94
N SER A 266 30.81 10.22 -16.65
CA SER A 266 29.75 10.53 -15.68
C SER A 266 29.31 12.01 -15.67
N LEU A 267 30.28 12.91 -15.71
CA LEU A 267 29.99 14.35 -15.74
C LEU A 267 29.24 14.73 -17.00
N TYR A 268 29.69 14.15 -18.12
CA TYR A 268 29.09 14.42 -19.41
C TYR A 268 27.61 14.07 -19.36
N LEU A 269 27.30 12.91 -18.77
CA LEU A 269 25.92 12.46 -18.64
C LEU A 269 25.07 13.18 -17.63
N ALA A 270 25.62 13.46 -16.45
CA ALA A 270 24.78 13.93 -15.37
C ALA A 270 24.93 15.41 -15.11
N GLY A 271 26.03 15.97 -15.56
CA GLY A 271 26.25 17.39 -15.38
C GLY A 271 26.86 17.76 -14.05
N GLU A 272 26.93 16.79 -13.13
CA GLU A 272 27.53 16.96 -11.80
C GLU A 272 27.80 15.55 -11.28
N ILE A 273 28.66 15.40 -10.27
CA ILE A 273 28.76 14.15 -9.52
C ILE A 273 28.43 14.39 -8.02
N SER A 274 27.27 13.96 -7.56
CA SER A 274 26.93 14.14 -6.17
C SER A 274 27.04 12.78 -5.46
N LEU A 275 26.81 11.70 -6.21
CA LEU A 275 26.97 10.36 -5.67
C LEU A 275 27.83 9.55 -6.64
N LEU A 276 28.74 8.76 -6.10
CA LEU A 276 29.56 7.91 -6.98
C LEU A 276 29.68 6.55 -6.30
N ILE A 277 29.33 5.50 -7.03
CA ILE A 277 29.41 4.14 -6.53
C ILE A 277 30.42 3.41 -7.33
N LEU A 278 31.55 3.13 -6.69
CA LEU A 278 32.67 2.45 -7.37
C LEU A 278 32.68 0.98 -6.97
N ASP A 279 32.33 0.12 -7.91
CA ASP A 279 32.18 -1.29 -7.63
C ASP A 279 33.47 -1.97 -8.04
N GLU A 280 34.30 -2.24 -7.03
CA GLU A 280 35.54 -2.97 -7.24
C GLU A 280 36.33 -2.36 -8.38
N PRO A 281 36.75 -1.09 -8.21
CA PRO A 281 37.53 -0.38 -9.24
C PRO A 281 38.88 -1.01 -9.48
N THR A 282 39.42 -1.75 -8.52
CA THR A 282 40.75 -2.36 -8.69
C THR A 282 40.79 -3.79 -8.17
N PRO A 283 40.29 -4.74 -8.98
CA PRO A 283 40.21 -6.13 -8.50
C PRO A 283 41.60 -6.72 -8.31
N TYR A 284 42.55 -6.16 -9.04
CA TYR A 284 43.96 -6.43 -8.88
C TYR A 284 44.52 -5.03 -8.67
N LEU A 285 45.45 -4.92 -7.73
CA LEU A 285 46.01 -3.65 -7.32
C LEU A 285 47.41 -3.95 -6.77
N ASP A 286 48.37 -3.12 -7.17
CA ASP A 286 49.74 -3.19 -6.70
C ASP A 286 50.03 -2.05 -5.74
N GLU A 287 51.17 -2.08 -5.07
CA GLU A 287 51.52 -1.00 -4.16
C GLU A 287 51.33 0.38 -4.82
N GLU A 288 51.73 0.49 -6.10
CA GLU A 288 51.68 1.77 -6.81
C GLU A 288 50.25 2.23 -7.15
N ARG A 289 49.49 1.35 -7.80
CA ARG A 289 48.12 1.60 -8.17
C ARG A 289 47.35 1.99 -6.91
N ARG A 290 47.45 1.13 -5.90
CA ARG A 290 46.78 1.32 -4.65
C ARG A 290 47.20 2.61 -3.97
N ARG A 291 48.50 2.90 -3.98
CA ARG A 291 48.99 4.16 -3.40
C ARG A 291 48.40 5.38 -4.11
N LYS A 292 48.24 5.25 -5.43
CA LYS A 292 47.63 6.33 -6.20
C LYS A 292 46.12 6.48 -5.95
N LEU A 293 45.37 5.39 -6.03
CA LEU A 293 43.96 5.39 -5.65
C LEU A 293 43.80 5.97 -4.25
N ILE A 294 44.68 5.62 -3.33
CA ILE A 294 44.61 6.17 -1.98
C ILE A 294 44.75 7.70 -2.01
N THR A 295 45.82 8.18 -2.68
CA THR A 295 45.99 9.63 -2.88
C THR A 295 44.79 10.33 -3.50
N ILE A 296 44.23 9.71 -4.55
CA ILE A 296 43.03 10.22 -5.21
C ILE A 296 41.80 10.24 -4.29
N MET A 297 41.59 9.19 -3.50
CA MET A 297 40.50 9.19 -2.51
C MET A 297 40.67 10.34 -1.54
N GLU A 298 41.86 10.42 -0.94
CA GLU A 298 42.16 11.40 0.11
C GLU A 298 42.05 12.85 -0.36
N ARG A 299 42.66 13.15 -1.49
CA ARG A 299 42.73 14.52 -1.94
C ARG A 299 41.55 14.97 -2.80
N TYR A 300 40.95 14.05 -3.54
CA TYR A 300 40.01 14.42 -4.60
C TYR A 300 38.60 13.88 -4.48
N LEU A 301 38.45 12.59 -4.21
CA LEU A 301 37.12 12.02 -4.17
C LEU A 301 36.37 12.45 -2.89
N LYS A 302 37.09 13.00 -1.91
CA LYS A 302 36.41 13.47 -0.70
C LYS A 302 35.62 14.76 -0.96
N LYS A 303 35.77 15.35 -2.13
CA LYS A 303 35.00 16.53 -2.52
C LYS A 303 33.58 16.14 -2.94
N ILE A 304 33.37 14.84 -3.21
CA ILE A 304 32.06 14.37 -3.64
C ILE A 304 31.23 14.14 -2.38
N PRO A 305 29.95 14.58 -2.37
CA PRO A 305 29.14 14.46 -1.15
C PRO A 305 29.07 13.05 -0.55
N GLN A 306 28.87 12.07 -1.40
CA GLN A 306 28.99 10.69 -0.96
C GLN A 306 29.62 9.79 -2.01
N VAL A 307 30.48 8.92 -1.54
CA VAL A 307 31.07 7.92 -2.39
C VAL A 307 30.90 6.60 -1.70
N ILE A 308 30.50 5.60 -2.46
CA ILE A 308 30.46 4.24 -1.98
C ILE A 308 31.44 3.40 -2.79
N LEU A 309 32.43 2.88 -2.09
CA LEU A 309 33.49 2.11 -2.70
C LEU A 309 33.44 0.70 -2.14
N VAL A 310 33.26 -0.25 -3.04
CA VAL A 310 33.19 -1.66 -2.72
C VAL A 310 34.50 -2.32 -3.16
N SER A 311 35.23 -2.91 -2.20
CA SER A 311 36.50 -3.57 -2.49
C SER A 311 36.84 -4.72 -1.57
N HIS A 312 37.79 -5.52 -2.02
CA HIS A 312 38.36 -6.60 -1.24
C HIS A 312 39.60 -6.11 -0.53
N ASP A 313 40.03 -4.89 -0.85
CA ASP A 313 41.34 -4.39 -0.41
C ASP A 313 41.31 -3.65 0.94
N GLU A 314 41.66 -4.36 2.02
CA GLU A 314 41.74 -3.79 3.38
C GLU A 314 42.57 -2.49 3.43
N GLU A 315 43.57 -2.40 2.60
CA GLU A 315 44.52 -1.29 2.60
C GLU A 315 43.86 0.05 2.21
N LEU A 316 42.66 -0.02 1.65
CA LEU A 316 41.94 1.21 1.31
C LEU A 316 41.29 1.85 2.54
N LYS A 317 41.29 1.12 3.66
CA LYS A 317 40.57 1.58 4.87
C LYS A 317 40.98 2.96 5.34
N ASP A 318 42.29 3.19 5.27
CA ASP A 318 42.89 4.44 5.71
C ASP A 318 42.37 5.64 4.93
N ALA A 319 41.90 5.45 3.70
CA ALA A 319 41.49 6.61 2.90
C ALA A 319 39.96 6.85 3.01
N ALA A 320 39.30 6.07 3.86
CA ALA A 320 37.85 6.06 3.92
C ALA A 320 37.35 6.82 5.13
N ASP A 321 36.16 7.37 5.04
CA ASP A 321 35.55 8.12 6.18
C ASP A 321 34.78 7.16 7.06
N HIS A 322 34.24 6.14 6.42
CA HIS A 322 33.41 5.13 7.03
C HIS A 322 33.75 3.77 6.42
N VAL A 323 33.90 2.75 7.29
CA VAL A 323 34.28 1.41 6.87
C VAL A 323 33.29 0.39 7.41
N ILE A 324 32.78 -0.41 6.50
CA ILE A 324 31.79 -1.43 6.80
C ILE A 324 32.30 -2.72 6.21
N ARG A 325 32.52 -3.71 7.08
CA ARG A 325 32.97 -5.01 6.63
C ARG A 325 31.77 -5.92 6.49
N ILE A 326 31.69 -6.58 5.34
CA ILE A 326 30.68 -7.57 5.11
CA ILE A 326 30.67 -7.58 5.11
C ILE A 326 31.32 -8.93 4.95
N SER A 327 30.78 -9.94 5.67
CA SER A 327 31.33 -11.28 5.57
C SER A 327 30.21 -12.31 5.64
N LEU A 328 30.53 -13.52 5.21
CA LEU A 328 29.58 -14.60 5.29
C LEU A 328 29.77 -15.30 6.67
N GLU A 329 28.75 -15.27 7.51
CA GLU A 329 28.81 -15.99 8.81
C GLU A 329 27.53 -16.79 9.02
N ASN A 330 27.70 -18.05 9.42
CA ASN A 330 26.56 -18.93 9.64
C ASN A 330 25.64 -18.93 8.42
N GLY A 331 26.22 -18.77 7.23
CA GLY A 331 25.48 -18.95 5.99
C GLY A 331 24.73 -17.74 5.47
N SER A 332 24.95 -16.58 6.10
CA SER A 332 24.34 -15.37 5.59
CA SER A 332 24.33 -15.36 5.61
C SER A 332 25.32 -14.25 5.79
N SER A 333 25.10 -13.19 5.02
CA SER A 333 25.91 -12.02 5.09
C SER A 333 25.71 -11.36 6.44
N LYS A 334 26.82 -10.92 7.01
CA LYS A 334 26.85 -10.25 8.27
C LYS A 334 27.61 -8.94 8.08
N VAL A 335 27.09 -7.88 8.70
CA VAL A 335 27.67 -6.54 8.63
C VAL A 335 28.35 -6.14 9.93
N GLU A 336 29.59 -5.69 9.83
CA GLU A 336 30.35 -5.16 10.94
C GLU A 336 30.70 -3.72 10.60
N VAL A 337 30.23 -2.79 11.43
CA VAL A 337 30.62 -1.40 11.27
C VAL A 337 31.99 -1.16 11.90
N VAL A 338 33.00 -0.89 11.08
CA VAL A 338 34.33 -0.59 11.60
C VAL A 338 34.44 0.91 11.92
N SER A 339 33.88 1.79 11.09
CA SER A 339 33.80 3.21 11.43
C SER A 339 32.66 3.88 10.64
N MET B 1 -26.77 4.87 -0.75
CA MET B 1 -25.57 3.99 -0.72
C MET B 1 -25.92 2.57 -1.17
N LYS B 2 -25.07 1.99 -2.01
CA LYS B 2 -25.34 0.69 -2.54
C LYS B 2 -24.08 -0.21 -2.59
N LEU B 3 -24.15 -1.38 -1.99
CA LEU B 3 -23.02 -2.30 -2.04
C LEU B 3 -22.98 -3.01 -3.40
N GLU B 4 -21.77 -3.23 -3.89
CA GLU B 4 -21.60 -3.98 -5.12
C GLU B 4 -20.99 -5.35 -4.85
N ARG B 5 -19.82 -5.36 -4.22
CA ARG B 5 -19.13 -6.62 -3.99
C ARG B 5 -18.31 -6.61 -2.72
N VAL B 6 -18.34 -7.72 -1.99
CA VAL B 6 -17.42 -7.91 -0.90
C VAL B 6 -16.62 -9.19 -1.09
N THR B 7 -15.33 -9.08 -0.81
CA THR B 7 -14.43 -10.19 -0.82
C THR B 7 -13.79 -10.30 0.55
N VAL B 8 -13.83 -11.50 1.11
CA VAL B 8 -13.30 -11.74 2.43
C VAL B 8 -12.48 -13.01 2.39
N LYS B 9 -11.20 -12.87 2.75
CA LYS B 9 -10.28 -13.98 2.82
C LYS B 9 -9.67 -14.09 4.22
N ASN B 10 -9.72 -15.31 4.77
CA ASN B 10 -9.09 -15.63 6.05
C ASN B 10 -9.61 -14.81 7.24
N PHE B 11 -10.92 -14.69 7.31
CA PHE B 11 -11.59 -14.12 8.48
C PHE B 11 -12.65 -15.13 8.94
N ARG B 12 -12.47 -15.65 10.14
CA ARG B 12 -13.31 -16.73 10.64
C ARG B 12 -13.46 -17.85 9.62
N SER B 13 -14.68 -18.25 9.28
CA SER B 13 -14.89 -19.38 8.38
C SER B 13 -14.81 -18.98 6.89
N HIS B 14 -14.47 -17.72 6.62
CA HIS B 14 -14.27 -17.24 5.23
C HIS B 14 -12.84 -17.41 4.76
N SER B 15 -12.58 -18.46 4.00
CA SER B 15 -11.23 -18.64 3.45
C SER B 15 -11.09 -17.77 2.18
N ASP B 16 -12.06 -17.85 1.29
CA ASP B 16 -12.13 -16.99 0.09
C ASP B 16 -13.58 -16.84 -0.32
N THR B 17 -14.20 -15.76 0.15
CA THR B 17 -15.60 -15.52 -0.07
C THR B 17 -15.76 -14.30 -0.93
N VAL B 18 -16.60 -14.42 -1.97
CA VAL B 18 -16.94 -13.31 -2.83
C VAL B 18 -18.46 -13.25 -2.91
N VAL B 19 -19.02 -12.11 -2.53
CA VAL B 19 -20.44 -11.92 -2.61
C VAL B 19 -20.76 -10.63 -3.41
N GLU B 20 -21.60 -10.81 -4.43
CA GLU B 20 -22.04 -9.74 -5.30
C GLU B 20 -23.46 -9.35 -4.96
N PHE B 21 -23.63 -8.08 -4.66
CA PHE B 21 -24.91 -7.51 -4.33
C PHE B 21 -25.45 -6.71 -5.46
N LYS B 22 -26.77 -6.75 -5.60
CA LYS B 22 -27.43 -6.03 -6.69
C LYS B 22 -28.58 -5.19 -6.17
N GLU B 23 -29.34 -4.61 -7.09
CA GLU B 23 -30.49 -3.75 -6.74
C GLU B 23 -31.57 -4.53 -6.01
N GLY B 24 -32.39 -3.84 -5.23
CA GLY B 24 -33.55 -4.49 -4.63
C GLY B 24 -33.17 -5.35 -3.42
N ILE B 25 -33.96 -6.38 -3.17
CA ILE B 25 -33.81 -7.17 -1.98
C ILE B 25 -32.85 -8.32 -2.22
N ASN B 26 -31.73 -8.30 -1.51
CA ASN B 26 -30.74 -9.37 -1.57
C ASN B 26 -30.86 -10.23 -0.33
N LEU B 27 -31.33 -11.46 -0.50
CA LEU B 27 -31.46 -12.37 0.60
C LEU B 27 -30.23 -13.26 0.70
N ILE B 28 -29.59 -13.24 1.86
CA ILE B 28 -28.51 -14.18 2.15
C ILE B 28 -29.05 -15.23 3.11
N ILE B 29 -29.14 -16.47 2.60
CA ILE B 29 -29.62 -17.59 3.39
C ILE B 29 -28.48 -18.47 3.87
N GLY B 30 -28.55 -18.90 5.12
CA GLY B 30 -27.63 -19.88 5.62
C GLY B 30 -28.00 -20.30 7.01
N GLN B 31 -27.41 -21.39 7.47
CA GLN B 31 -27.61 -21.82 8.84
C GLN B 31 -26.73 -20.99 9.76
N ASN B 32 -27.04 -21.02 11.05
CA ASN B 32 -26.20 -20.36 12.04
C ASN B 32 -24.75 -20.86 11.95
N GLY B 33 -23.80 -19.94 11.96
CA GLY B 33 -22.39 -20.30 11.91
C GLY B 33 -21.90 -20.58 10.49
N SER B 34 -22.81 -20.51 9.52
CA SER B 34 -22.49 -20.76 8.11
C SER B 34 -21.58 -19.71 7.48
N GLY B 35 -21.49 -18.54 8.11
CA GLY B 35 -20.73 -17.41 7.61
C GLY B 35 -21.55 -16.20 7.21
N LYS B 36 -22.87 -16.32 7.23
CA LYS B 36 -23.69 -15.23 6.73
C LYS B 36 -23.55 -13.96 7.62
N SER B 37 -23.33 -14.15 8.92
CA SER B 37 -23.21 -13.03 9.87
C SER B 37 -21.81 -12.44 9.95
N SER B 38 -20.79 -13.30 9.96
CA SER B 38 -19.41 -12.81 9.89
C SER B 38 -19.18 -12.04 8.58
N LEU B 39 -19.98 -12.32 7.56
CA LEU B 39 -19.89 -11.57 6.30
C LEU B 39 -20.28 -10.10 6.55
N LEU B 40 -21.40 -9.91 7.25
CA LEU B 40 -21.82 -8.57 7.61
C LEU B 40 -20.79 -7.90 8.51
N ASP B 41 -20.32 -8.64 9.50
CA ASP B 41 -19.22 -8.15 10.34
C ASP B 41 -18.02 -7.68 9.48
N ALA B 42 -17.64 -8.47 8.48
CA ALA B 42 -16.49 -8.10 7.66
C ALA B 42 -16.78 -6.84 6.84
N ILE B 43 -18.00 -6.73 6.34
CA ILE B 43 -18.41 -5.48 5.68
C ILE B 43 -18.26 -4.25 6.60
N LEU B 44 -18.78 -4.37 7.82
CA LEU B 44 -18.70 -3.28 8.78
C LEU B 44 -17.24 -2.92 9.10
N VAL B 45 -16.45 -3.93 9.46
CA VAL B 45 -15.04 -3.72 9.73
C VAL B 45 -14.31 -3.11 8.54
N GLY B 46 -14.63 -3.59 7.34
CA GLY B 46 -14.06 -3.05 6.12
C GLY B 46 -14.39 -1.59 5.84
N LEU B 47 -15.65 -1.21 6.07
CA LEU B 47 -15.99 0.20 6.02
C LEU B 47 -15.31 1.05 7.11
N TYR B 48 -15.37 0.61 8.36
CA TYR B 48 -15.08 1.51 9.49
C TYR B 48 -13.85 1.25 10.35
N TRP B 49 -12.98 0.36 9.89
CA TRP B 49 -11.72 0.14 10.55
C TRP B 49 -11.09 1.48 10.83
N PRO B 50 -10.54 1.68 12.05
CA PRO B 50 -10.36 0.77 13.18
C PRO B 50 -11.42 0.93 14.33
N LEU B 51 -12.55 1.56 14.04
CA LEU B 51 -13.60 1.79 15.03
C LEU B 51 -14.28 0.51 15.48
N ARG B 52 -14.68 0.48 16.74
CA ARG B 52 -15.29 -0.69 17.37
C ARG B 52 -16.50 -1.14 16.57
N ILE B 53 -16.53 -2.41 16.22
CA ILE B 53 -17.71 -3.04 15.65
C ILE B 53 -18.08 -4.14 16.62
N LYS B 54 -19.28 -4.04 17.21
CA LYS B 54 -19.74 -5.00 18.21
C LYS B 54 -18.64 -5.27 19.23
N ASP B 55 -18.38 -6.54 19.54
CA ASP B 55 -17.30 -6.92 20.47
C ASP B 55 -16.08 -7.50 19.78
N ILE B 56 -15.98 -7.29 18.46
CA ILE B 56 -14.87 -7.84 17.69
C ILE B 56 -13.53 -7.21 18.06
N LYS B 57 -12.52 -8.04 18.25
CA LYS B 57 -11.19 -7.55 18.61
C LYS B 57 -10.33 -7.28 17.38
N LYS B 58 -9.39 -6.34 17.50
CA LYS B 58 -8.52 -6.01 16.38
C LYS B 58 -7.66 -7.21 16.04
N ASP B 59 -7.15 -7.87 17.10
CA ASP B 59 -6.25 -9.01 16.95
C ASP B 59 -6.80 -10.10 16.03
N GLU B 60 -8.12 -10.18 15.90
CA GLU B 60 -8.77 -11.22 15.12
C GLU B 60 -8.57 -11.00 13.62
N PHE B 61 -8.05 -9.83 13.27
CA PHE B 61 -7.74 -9.51 11.88
C PHE B 61 -6.21 -9.48 11.71
N THR B 62 -5.54 -8.81 12.64
CA THR B 62 -4.13 -8.52 12.51
C THR B 62 -3.21 -9.64 12.98
N LYS B 63 -3.77 -10.67 13.62
CA LYS B 63 -2.96 -11.78 14.13
C LYS B 63 -3.74 -13.09 14.22
N VAL B 64 -4.23 -13.57 13.07
CA VAL B 64 -4.95 -14.84 12.99
C VAL B 64 -4.45 -15.69 11.82
N GLY B 65 -4.20 -16.96 12.07
CA GLY B 65 -3.70 -17.87 11.06
C GLY B 65 -2.33 -17.45 10.55
N ALA B 66 -1.86 -18.12 9.50
CA ALA B 66 -0.59 -17.77 8.85
C ALA B 66 -0.85 -17.04 7.51
N ARG B 67 -2.02 -17.28 6.93
CA ARG B 67 -2.42 -16.62 5.69
C ARG B 67 -2.95 -15.23 5.98
N ASP B 68 -2.66 -14.28 5.10
CA ASP B 68 -3.08 -12.89 5.30
C ASP B 68 -4.59 -12.79 5.36
N THR B 69 -5.07 -11.76 6.03
CA THR B 69 -6.50 -11.49 6.02
C THR B 69 -6.76 -10.35 5.06
N TYR B 70 -7.84 -10.48 4.30
CA TYR B 70 -8.10 -9.52 3.25
C TYR B 70 -9.59 -9.20 3.15
N ILE B 71 -9.89 -7.91 3.06
CA ILE B 71 -11.26 -7.47 2.90
C ILE B 71 -11.26 -6.46 1.80
N ASP B 72 -12.15 -6.67 0.84
CA ASP B 72 -12.24 -5.78 -0.28
C ASP B 72 -13.70 -5.49 -0.49
N LEU B 73 -14.02 -4.20 -0.49
CA LEU B 73 -15.37 -3.75 -0.60
C LEU B 73 -15.54 -2.72 -1.70
N ILE B 74 -16.47 -2.99 -2.58
CA ILE B 74 -16.83 -2.07 -3.63
C ILE B 74 -18.28 -1.60 -3.39
N PHE B 75 -18.48 -0.29 -3.39
CA PHE B 75 -19.82 0.23 -3.23
C PHE B 75 -19.98 1.56 -3.95
N GLU B 76 -21.21 2.04 -4.04
CA GLU B 76 -21.54 3.25 -4.76
C GLU B 76 -22.25 4.19 -3.80
N LYS B 77 -21.95 5.47 -3.90
CA LYS B 77 -22.56 6.48 -3.06
C LYS B 77 -22.66 7.77 -3.91
N ASP B 78 -23.87 8.26 -4.12
CA ASP B 78 -24.09 9.54 -4.79
C ASP B 78 -23.45 9.59 -6.18
N GLY B 79 -23.53 8.49 -6.93
CA GLY B 79 -23.07 8.45 -8.30
C GLY B 79 -21.59 8.14 -8.49
N THR B 80 -20.87 8.02 -7.39
CA THR B 80 -19.44 7.71 -7.43
C THR B 80 -19.24 6.29 -6.87
N LYS B 81 -18.45 5.50 -7.59
CA LYS B 81 -18.08 4.17 -7.16
C LYS B 81 -16.78 4.21 -6.36
N TYR B 82 -16.81 3.56 -5.19
CA TYR B 82 -15.66 3.51 -4.29
C TYR B 82 -15.21 2.08 -4.04
N ARG B 83 -13.93 1.95 -3.76
CA ARG B 83 -13.34 0.68 -3.36
C ARG B 83 -12.46 0.87 -2.13
N ILE B 84 -12.70 0.05 -1.11
CA ILE B 84 -11.88 0.02 0.09
C ILE B 84 -11.25 -1.35 0.20
N THR B 85 -9.94 -1.34 0.41
CA THR B 85 -9.15 -2.55 0.50
C THR B 85 -8.28 -2.55 1.75
N ARG B 86 -8.41 -3.64 2.52
CA ARG B 86 -7.64 -3.82 3.72
C ARG B 86 -6.97 -5.22 3.75
N ARG B 87 -5.68 -5.21 4.03
CA ARG B 87 -4.91 -6.42 3.97
C ARG B 87 -4.04 -6.50 5.20
N PHE B 88 -4.08 -7.64 5.85
CA PHE B 88 -3.37 -7.86 7.12
C PHE B 88 -2.39 -9.03 6.98
N LEU B 89 -1.10 -8.72 6.84
CA LEU B 89 -0.04 -9.72 6.72
C LEU B 89 0.47 -10.18 8.09
N GLU B 96 0.24 -4.25 7.66
CA GLU B 96 -1.02 -3.60 7.35
C GLU B 96 -0.98 -2.71 6.12
N ILE B 97 -1.91 -2.94 5.21
CA ILE B 97 -2.08 -2.13 4.01
C ILE B 97 -3.56 -1.79 3.87
N HIS B 98 -3.83 -0.50 3.73
CA HIS B 98 -5.18 0.04 3.67
C HIS B 98 -5.21 0.95 2.47
N ALA B 99 -6.29 0.86 1.70
CA ALA B 99 -6.43 1.75 0.56
C ALA B 99 -7.87 2.07 0.32
N MET B 100 -8.16 3.29 -0.16
CA MET B 100 -9.50 3.62 -0.62
C MET B 100 -9.46 4.45 -1.89
N LYS B 101 -10.21 3.99 -2.90
CA LYS B 101 -10.14 4.55 -4.23
C LYS B 101 -11.53 4.88 -4.74
N ARG B 102 -11.57 5.70 -5.79
CA ARG B 102 -12.80 5.91 -6.53
C ARG B 102 -12.54 5.56 -7.97
N LEU B 103 -13.62 5.22 -8.65
CA LEU B 103 -13.55 4.88 -10.05
C LEU B 103 -13.67 6.13 -10.93
N VAL B 104 -12.66 6.32 -11.77
CA VAL B 104 -12.65 7.39 -12.76
C VAL B 104 -12.38 6.75 -14.10
N GLY B 105 -13.40 6.67 -14.96
CA GLY B 105 -13.20 6.00 -16.23
C GLY B 105 -13.13 4.52 -15.93
N ASN B 106 -12.05 3.83 -16.27
CA ASN B 106 -11.91 2.44 -15.84
C ASN B 106 -10.67 2.26 -14.96
N GLU B 107 -10.20 3.38 -14.40
CA GLU B 107 -9.11 3.36 -13.43
C GLU B 107 -9.53 3.78 -11.98
N TRP B 108 -9.08 2.97 -11.04
CA TRP B 108 -9.26 3.24 -9.63
C TRP B 108 -8.17 4.21 -9.17
N LYS B 109 -8.59 5.35 -8.62
CA LYS B 109 -7.66 6.39 -8.14
C LYS B 109 -7.86 6.62 -6.64
N HIS B 110 -6.74 6.66 -5.92
CA HIS B 110 -6.74 6.90 -4.48
C HIS B 110 -7.50 8.19 -4.18
N VAL B 111 -8.45 8.11 -3.25
CA VAL B 111 -9.27 9.27 -2.89
C VAL B 111 -8.60 10.06 -1.76
N THR B 112 -7.70 9.39 -1.06
CA THR B 112 -6.93 10.03 -0.01
C THR B 112 -5.66 9.23 0.22
N GLU B 113 -4.90 9.60 1.25
CA GLU B 113 -3.66 8.92 1.61
C GLU B 113 -3.98 7.47 2.00
N PRO B 114 -3.26 6.51 1.40
CA PRO B 114 -3.52 5.11 1.80
C PRO B 114 -3.04 4.77 3.22
N SER B 115 -3.78 5.30 4.19
CA SER B 115 -3.57 4.97 5.59
C SER B 115 -4.92 4.90 6.28
N SER B 116 -5.00 4.06 7.31
CA SER B 116 -6.24 3.89 8.05
CA SER B 116 -6.23 3.90 8.06
C SER B 116 -6.78 5.23 8.56
N LYS B 117 -5.88 6.11 8.97
CA LYS B 117 -6.27 7.40 9.53
C LYS B 117 -7.01 8.26 8.51
N ALA B 118 -6.36 8.50 7.38
CA ALA B 118 -6.95 9.31 6.33
C ALA B 118 -8.23 8.67 5.78
N ILE B 119 -8.28 7.34 5.77
CA ILE B 119 -9.44 6.65 5.21
C ILE B 119 -10.60 6.77 6.20
N SER B 120 -10.32 6.61 7.49
CA SER B 120 -11.33 6.86 8.54
C SER B 120 -11.88 8.26 8.39
N ALA B 121 -10.97 9.23 8.33
CA ALA B 121 -11.35 10.62 8.12
C ALA B 121 -12.28 10.80 6.91
N PHE B 122 -11.88 10.25 5.76
CA PHE B 122 -12.73 10.33 4.57
C PHE B 122 -14.11 9.66 4.73
N MET B 123 -14.10 8.48 5.35
CA MET B 123 -15.32 7.71 5.47
C MET B 123 -16.31 8.42 6.39
N GLU B 124 -15.77 9.04 7.43
CA GLU B 124 -16.60 9.90 8.28
C GLU B 124 -17.35 10.96 7.46
N LYS B 125 -16.68 11.53 6.48
CA LYS B 125 -17.27 12.60 5.68
C LYS B 125 -18.26 12.06 4.69
N LEU B 126 -17.97 10.87 4.15
CA LEU B 126 -18.89 10.25 3.20
C LEU B 126 -20.17 9.69 3.85
N ILE B 127 -20.01 8.87 4.88
CA ILE B 127 -21.15 8.27 5.56
C ILE B 127 -20.73 7.93 6.99
N PRO B 128 -21.07 8.81 7.94
CA PRO B 128 -20.51 8.65 9.29
C PRO B 128 -20.88 7.32 9.94
N TYR B 129 -19.95 6.83 10.76
CA TYR B 129 -20.03 5.56 11.45
C TYR B 129 -21.35 5.39 12.24
N ASN B 130 -21.76 6.43 12.96
CA ASN B 130 -22.99 6.40 13.74
C ASN B 130 -24.21 6.13 12.86
N ILE B 131 -24.26 6.83 11.72
CA ILE B 131 -25.36 6.63 10.76
C ILE B 131 -25.40 5.25 10.17
N PHE B 132 -24.24 4.72 9.79
CA PHE B 132 -24.23 3.39 9.22
C PHE B 132 -24.56 2.33 10.27
N LEU B 133 -23.92 2.40 11.44
CA LEU B 133 -24.13 1.38 12.43
C LEU B 133 -25.55 1.40 13.06
N ASN B 134 -26.19 2.56 13.11
CA ASN B 134 -27.53 2.61 13.71
C ASN B 134 -28.74 2.81 12.79
N ALA B 135 -28.57 3.42 11.62
CA ALA B 135 -29.69 3.64 10.71
C ALA B 135 -29.74 2.59 9.60
N ILE B 136 -28.57 2.25 9.08
CA ILE B 136 -28.49 1.35 7.95
C ILE B 136 -28.45 -0.11 8.40
N TYR B 137 -27.55 -0.42 9.32
CA TYR B 137 -27.41 -1.76 9.85
C TYR B 137 -28.39 -2.00 11.02
N ILE B 138 -29.22 -3.04 10.93
CA ILE B 138 -30.18 -3.41 11.98
C ILE B 138 -29.73 -4.70 12.59
N ARG B 139 -29.09 -4.61 13.76
CA ARG B 139 -28.43 -5.79 14.33
C ARG B 139 -29.48 -6.76 14.89
N GLN B 140 -29.13 -8.05 14.88
CA GLN B 140 -30.04 -9.09 15.34
C GLN B 140 -30.52 -8.85 16.79
N GLY B 141 -31.80 -9.05 17.03
CA GLY B 141 -32.37 -8.88 18.38
C GLY B 141 -33.00 -7.52 18.65
N GLN B 142 -32.79 -6.53 17.79
CA GLN B 142 -33.35 -5.22 18.08
C GLN B 142 -34.87 -5.21 17.86
N ILE B 143 -35.30 -5.84 16.76
CA ILE B 143 -36.73 -5.90 16.48
C ILE B 143 -37.47 -6.63 17.59
N ASP B 144 -36.89 -7.73 18.05
CA ASP B 144 -37.49 -8.53 19.13
C ASP B 144 -37.55 -7.74 20.45
N ALA B 145 -36.42 -7.14 20.81
CA ALA B 145 -36.30 -6.29 21.97
C ALA B 145 -37.37 -5.22 21.95
N ILE B 146 -37.64 -4.68 20.77
CA ILE B 146 -38.71 -3.69 20.68
C ILE B 146 -40.08 -4.27 21.07
N LEU B 147 -40.29 -5.55 20.77
CA LEU B 147 -41.58 -6.19 21.06
C LEU B 147 -41.61 -6.86 22.44
N GLU B 148 -40.42 -7.11 22.99
CA GLU B 148 -40.21 -7.83 24.26
C GLU B 148 -40.80 -7.21 25.56
N SER B 149 -40.35 -6.00 25.91
CA SER B 149 -40.79 -5.31 27.14
C SER B 149 -40.43 -3.83 27.08
N ASP B 150 -41.04 -3.03 27.95
CA ASP B 150 -40.78 -1.59 28.02
C ASP B 150 -39.31 -1.30 28.33
N GLU B 151 -38.69 -2.17 29.14
CA GLU B 151 -37.32 -1.99 29.58
C GLU B 151 -36.34 -2.28 28.42
N ALA B 152 -36.59 -3.40 27.76
CA ALA B 152 -35.77 -3.82 26.64
C ALA B 152 -35.89 -2.76 25.53
N ARG B 153 -37.12 -2.33 25.27
CA ARG B 153 -37.39 -1.30 24.28
C ARG B 153 -36.62 -0.02 24.59
N GLU B 154 -36.73 0.45 25.85
CA GLU B 154 -35.93 1.60 26.27
C GLU B 154 -34.45 1.38 25.98
N LYS B 155 -33.93 0.20 26.29
CA LYS B 155 -32.54 -0.10 25.98
C LYS B 155 -32.21 0.05 24.47
N VAL B 156 -33.02 -0.58 23.61
CA VAL B 156 -32.78 -0.48 22.15
C VAL B 156 -32.78 0.98 21.71
N VAL B 157 -33.79 1.73 22.18
CA VAL B 157 -33.89 3.15 21.84
C VAL B 157 -32.66 3.93 22.28
N ARG B 158 -32.28 3.75 23.54
CA ARG B 158 -31.14 4.46 24.08
C ARG B 158 -29.87 4.14 23.28
N GLU B 159 -29.71 2.88 22.88
CA GLU B 159 -28.53 2.51 22.09
C GLU B 159 -28.56 3.07 20.66
N VAL B 160 -29.67 2.86 19.96
CA VAL B 160 -29.75 3.30 18.57
C VAL B 160 -29.65 4.83 18.45
N LEU B 161 -30.23 5.56 19.41
CA LEU B 161 -30.21 7.02 19.31
C LEU B 161 -29.07 7.78 20.01
N ASN B 162 -28.15 7.11 20.72
CA ASN B 162 -27.06 7.81 21.42
C ASN B 162 -25.66 7.47 20.90
N ILE B 187 -28.80 21.49 39.32
CA ILE B 187 -28.84 20.72 38.08
C ILE B 187 -30.20 20.08 37.86
N GLU B 188 -31.17 20.41 38.72
CA GLU B 188 -32.51 19.85 38.62
C GLU B 188 -33.15 20.26 37.30
N LYS B 189 -32.89 21.49 36.88
CA LYS B 189 -33.51 22.04 35.67
C LYS B 189 -33.05 21.34 34.40
N VAL B 190 -31.81 20.86 34.38
CA VAL B 190 -31.25 20.23 33.19
C VAL B 190 -31.89 18.86 32.92
N LYS B 191 -32.30 18.21 34.00
CA LYS B 191 -33.05 16.97 33.92
C LYS B 191 -34.32 17.19 33.09
N LYS B 192 -34.93 18.37 33.27
CA LYS B 192 -36.08 18.79 32.46
C LYS B 192 -35.73 18.82 30.97
N TYR B 193 -34.58 19.40 30.64
CA TYR B 193 -34.08 19.45 29.27
C TYR B 193 -33.98 18.04 28.72
N LYS B 194 -33.27 17.19 29.46
CA LYS B 194 -33.18 15.77 29.07
C LYS B 194 -34.56 15.18 28.75
N ALA B 195 -35.45 15.21 29.75
CA ALA B 195 -36.77 14.59 29.61
C ALA B 195 -37.56 15.14 28.41
N LEU B 196 -37.61 16.47 28.30
CA LEU B 196 -38.33 17.13 27.21
C LEU B 196 -37.76 16.79 25.82
N ALA B 197 -36.44 16.90 25.68
CA ALA B 197 -35.78 16.55 24.40
C ALA B 197 -36.04 15.11 24.01
N ARG B 198 -35.88 14.21 24.99
CA ARG B 198 -36.18 12.79 24.76
C ARG B 198 -37.67 12.57 24.39
N GLU B 199 -38.55 13.32 25.05
CA GLU B 199 -39.98 13.24 24.73
C GLU B 199 -40.22 13.63 23.26
N ALA B 200 -39.64 14.76 22.85
CA ALA B 200 -39.76 15.20 21.46
C ALA B 200 -39.23 14.15 20.48
N ALA B 201 -38.02 13.64 20.75
CA ALA B 201 -37.47 12.59 19.88
C ALA B 201 -38.41 11.38 19.74
N LEU B 202 -38.88 10.87 20.86
CA LEU B 202 -39.79 9.73 20.84
C LEU B 202 -41.10 10.04 20.13
N SER B 203 -41.60 11.26 20.30
CA SER B 203 -42.80 11.69 19.60
CA SER B 203 -42.79 11.69 19.59
C SER B 203 -42.60 11.65 18.09
N LYS B 204 -41.48 12.21 17.62
CA LYS B 204 -41.17 12.15 16.20
C LYS B 204 -41.12 10.70 15.71
N ILE B 205 -40.36 9.89 16.44
CA ILE B 205 -40.28 8.47 16.12
C ILE B 205 -41.67 7.84 16.04
N GLY B 206 -42.54 8.20 16.98
CA GLY B 206 -43.91 7.70 16.94
C GLY B 206 -44.69 8.12 15.73
N GLU B 207 -44.56 9.39 15.32
CA GLU B 207 -45.21 9.83 14.09
C GLU B 207 -44.72 9.01 12.86
N LEU B 208 -43.41 8.83 12.79
CA LEU B 208 -42.84 8.02 11.69
C LEU B 208 -43.35 6.59 11.72
N ALA B 209 -43.25 5.97 12.88
CA ALA B 209 -43.70 4.61 13.05
C ALA B 209 -45.19 4.51 12.73
N SER B 210 -45.95 5.55 13.06
CA SER B 210 -47.38 5.54 12.74
C SER B 210 -47.60 5.45 11.24
N GLU B 211 -46.93 6.33 10.50
CA GLU B 211 -47.01 6.27 9.03
C GLU B 211 -46.63 4.87 8.49
N ILE B 212 -45.50 4.36 8.97
CA ILE B 212 -45.01 3.09 8.43
C ILE B 212 -45.94 1.91 8.80
N PHE B 213 -46.34 1.85 10.07
CA PHE B 213 -47.20 0.77 10.57
C PHE B 213 -48.56 0.78 9.88
N ALA B 214 -49.09 1.99 9.65
CA ALA B 214 -50.32 2.10 8.85
C ALA B 214 -50.08 1.56 7.43
N GLU B 215 -48.96 1.90 6.81
CA GLU B 215 -48.61 1.24 5.54
C GLU B 215 -48.61 -0.31 5.67
N PHE B 216 -47.84 -0.83 6.61
CA PHE B 216 -47.72 -2.29 6.77
C PHE B 216 -49.03 -3.02 7.11
N THR B 217 -49.92 -2.39 7.88
CA THR B 217 -51.18 -3.06 8.29
C THR B 217 -52.30 -2.70 7.31
N GLU B 218 -51.94 -2.00 6.24
CA GLU B 218 -52.89 -1.60 5.22
C GLU B 218 -54.02 -0.79 5.83
N GLY B 219 -53.68 0.08 6.79
CA GLY B 219 -54.65 1.02 7.33
C GLY B 219 -55.49 0.47 8.48
N LYS B 220 -55.14 -0.72 8.97
CA LYS B 220 -55.87 -1.28 10.11
C LYS B 220 -55.50 -0.56 11.39
N TYR B 221 -54.30 0.03 11.44
CA TYR B 221 -53.86 0.82 12.57
C TYR B 221 -53.27 2.14 12.09
N SER B 222 -53.90 3.24 12.45
CA SER B 222 -53.50 4.54 11.91
C SER B 222 -52.52 5.32 12.81
N GLU B 223 -52.27 4.82 14.01
CA GLU B 223 -51.37 5.54 14.92
C GLU B 223 -50.65 4.62 15.92
N VAL B 224 -49.39 4.96 16.15
CA VAL B 224 -48.52 4.30 17.10
C VAL B 224 -48.13 5.31 18.18
N VAL B 225 -48.42 4.97 19.43
CA VAL B 225 -48.15 5.83 20.58
C VAL B 225 -46.88 5.38 21.28
N VAL B 226 -45.91 6.29 21.36
CA VAL B 226 -44.64 6.06 22.04
C VAL B 226 -44.53 7.05 23.21
N ARG B 227 -44.39 6.53 24.42
CA ARG B 227 -44.31 7.39 25.61
C ARG B 227 -43.20 6.95 26.56
N ALA B 228 -42.35 7.89 26.96
CA ALA B 228 -41.27 7.58 27.90
C ALA B 228 -41.76 7.64 29.37
N GLU B 229 -40.99 7.03 30.26
CA GLU B 229 -41.29 7.07 31.69
C GLU B 229 -40.17 6.42 32.49
N GLU B 230 -39.15 7.22 32.84
CA GLU B 230 -38.02 6.80 33.68
C GLU B 230 -37.51 5.38 33.42
N ASN B 231 -36.52 5.27 32.53
CA ASN B 231 -35.88 3.98 32.26
C ASN B 231 -36.78 3.02 31.48
N LYS B 232 -37.94 3.49 31.03
CA LYS B 232 -38.84 2.66 30.23
C LYS B 232 -39.39 3.41 28.99
N VAL B 233 -39.67 2.68 27.91
CA VAL B 233 -40.38 3.24 26.76
C VAL B 233 -41.62 2.40 26.47
N ARG B 234 -42.78 3.01 26.73
CA ARG B 234 -44.08 2.39 26.47
C ARG B 234 -44.48 2.58 25.01
N LEU B 235 -45.10 1.54 24.45
CA LEU B 235 -45.58 1.55 23.08
C LEU B 235 -47.00 1.00 23.01
N PHE B 236 -47.90 1.75 22.36
CA PHE B 236 -49.29 1.32 22.19
C PHE B 236 -49.72 1.53 20.73
N VAL B 237 -50.74 0.80 20.29
CA VAL B 237 -51.33 1.01 18.97
C VAL B 237 -52.76 1.52 19.10
N VAL B 238 -53.13 2.51 18.28
CA VAL B 238 -54.49 3.04 18.29
C VAL B 238 -55.39 2.30 17.30
N TRP B 239 -56.46 1.72 17.84
CA TRP B 239 -57.53 1.11 17.07
C TRP B 239 -58.83 1.71 17.60
N GLU B 240 -59.53 2.46 16.74
CA GLU B 240 -60.80 3.07 17.12
C GLU B 240 -60.66 4.07 18.29
N GLY B 241 -59.64 4.90 18.25
CA GLY B 241 -59.50 5.99 19.21
C GLY B 241 -59.00 5.57 20.59
N LYS B 242 -59.11 4.29 20.90
CA LYS B 242 -58.59 3.76 22.15
C LYS B 242 -57.20 3.15 21.94
N GLU B 243 -56.28 3.51 22.83
CA GLU B 243 -54.95 2.94 22.82
C GLU B 243 -55.05 1.48 23.21
N ARG B 244 -54.34 0.62 22.49
CA ARG B 244 -54.38 -0.81 22.78
C ARG B 244 -52.95 -1.32 22.97
N PRO B 245 -52.76 -2.21 23.98
CA PRO B 245 -51.43 -2.78 24.27
C PRO B 245 -51.00 -3.73 23.17
N LEU B 246 -49.70 -4.02 23.09
CA LEU B 246 -49.14 -4.85 22.01
C LEU B 246 -49.83 -6.20 21.97
N THR B 247 -50.27 -6.66 23.13
CA THR B 247 -50.99 -7.92 23.25
C THR B 247 -52.30 -7.91 22.44
N PHE B 248 -52.79 -6.72 22.11
CA PHE B 248 -53.99 -6.57 21.27
C PHE B 248 -53.74 -6.92 19.81
N LEU B 249 -52.48 -7.22 19.47
CA LEU B 249 -52.09 -7.51 18.08
C LEU B 249 -51.91 -9.00 17.84
N SER B 250 -52.03 -9.43 16.59
CA SER B 250 -51.61 -10.76 16.19
C SER B 250 -50.08 -10.82 16.15
N GLY B 251 -49.51 -11.96 15.78
CA GLY B 251 -48.06 -12.10 15.64
C GLY B 251 -47.53 -11.24 14.50
N GLY B 252 -48.18 -11.35 13.35
CA GLY B 252 -47.79 -10.62 12.16
C GLY B 252 -47.86 -9.13 12.38
N GLU B 253 -48.91 -8.69 13.06
CA GLU B 253 -49.06 -7.27 13.34
C GLU B 253 -47.88 -6.86 14.22
N GLY B 254 -47.48 -7.78 15.09
CA GLY B 254 -46.34 -7.55 15.96
C GLY B 254 -45.05 -7.38 15.19
N ILE B 255 -44.75 -8.31 14.28
CA ILE B 255 -43.53 -8.17 13.47
C ILE B 255 -43.58 -6.84 12.67
N ALA B 256 -44.77 -6.56 12.13
CA ALA B 256 -44.98 -5.30 11.42
C ALA B 256 -44.67 -4.08 12.30
N LEU B 257 -45.15 -4.08 13.54
CA LEU B 257 -44.89 -2.98 14.45
C LEU B 257 -43.40 -2.88 14.82
N GLY B 258 -42.79 -4.00 15.19
CA GLY B 258 -41.38 -4.01 15.54
C GLY B 258 -40.55 -3.40 14.41
N LEU B 259 -40.83 -3.87 13.20
CA LEU B 259 -40.04 -3.41 12.06
C LEU B 259 -40.33 -1.94 11.80
N ALA B 260 -41.60 -1.56 11.88
CA ALA B 260 -41.98 -0.17 11.67
C ALA B 260 -41.28 0.78 12.64
N PHE B 261 -41.21 0.40 13.92
CA PHE B 261 -40.60 1.25 14.94
C PHE B 261 -39.09 1.34 14.73
N ARG B 262 -38.48 0.20 14.46
CA ARG B 262 -37.03 0.21 14.12
C ARG B 262 -36.70 1.06 12.89
N LEU B 263 -37.47 0.88 11.82
CA LEU B 263 -37.33 1.73 10.63
C LEU B 263 -37.55 3.20 10.93
N ALA B 264 -38.60 3.50 11.71
CA ALA B 264 -38.82 4.88 12.18
C ALA B 264 -37.56 5.43 12.83
N MET B 265 -36.93 4.65 13.69
CA MET B 265 -35.67 5.10 14.29
C MET B 265 -34.56 5.39 13.25
N SER B 266 -34.37 4.48 12.30
CA SER B 266 -33.43 4.77 11.21
C SER B 266 -33.77 6.06 10.45
N LEU B 267 -35.06 6.25 10.15
CA LEU B 267 -35.46 7.45 9.47
C LEU B 267 -35.20 8.69 10.31
N TYR B 268 -35.41 8.57 11.61
CA TYR B 268 -35.15 9.68 12.50
C TYR B 268 -33.66 10.02 12.49
N LEU B 269 -32.81 9.00 12.46
CA LEU B 269 -31.38 9.31 12.41
C LEU B 269 -30.89 9.85 11.04
N ALA B 270 -31.28 9.20 9.94
CA ALA B 270 -30.63 9.44 8.64
C ALA B 270 -31.46 10.31 7.71
N GLY B 271 -32.76 10.40 7.98
CA GLY B 271 -33.69 11.21 7.21
C GLY B 271 -34.12 10.55 5.91
N GLU B 272 -33.60 9.34 5.68
CA GLU B 272 -33.89 8.59 4.48
C GLU B 272 -33.45 7.16 4.71
N ILE B 273 -34.00 6.24 3.93
CA ILE B 273 -33.54 4.87 3.89
C ILE B 273 -33.18 4.47 2.43
N SER B 274 -31.90 4.50 2.08
CA SER B 274 -31.46 4.10 0.73
C SER B 274 -30.82 2.69 0.75
N LEU B 275 -30.22 2.36 1.89
CA LEU B 275 -29.71 1.02 2.12
C LEU B 275 -30.17 0.54 3.50
N LEU B 276 -30.61 -0.71 3.57
CA LEU B 276 -31.06 -1.29 4.81
C LEU B 276 -30.45 -2.68 4.90
N ILE B 277 -29.77 -2.94 6.00
CA ILE B 277 -29.19 -4.25 6.22
C ILE B 277 -29.85 -4.83 7.48
N LEU B 278 -30.70 -5.83 7.25
CA LEU B 278 -31.47 -6.50 8.30
C LEU B 278 -30.77 -7.80 8.64
N ASP B 279 -30.14 -7.85 9.79
CA ASP B 279 -29.41 -9.03 10.17
C ASP B 279 -30.33 -9.90 11.02
N GLU B 280 -30.91 -10.94 10.39
CA GLU B 280 -31.79 -11.88 11.06
C GLU B 280 -32.90 -11.17 11.82
N PRO B 281 -33.87 -10.62 11.09
CA PRO B 281 -35.00 -9.97 11.77
C PRO B 281 -35.99 -10.96 12.38
N THR B 282 -35.75 -12.27 12.30
CA THR B 282 -36.76 -13.26 12.71
C THR B 282 -36.28 -14.25 13.80
N PRO B 283 -37.23 -14.88 14.53
CA PRO B 283 -36.85 -15.89 15.52
C PRO B 283 -36.30 -17.18 14.89
N TYR B 284 -37.18 -18.16 14.66
CA TYR B 284 -36.75 -19.47 14.18
C TYR B 284 -37.99 -20.27 13.81
N LEU B 285 -38.40 -20.16 12.54
CA LEU B 285 -39.64 -20.75 12.07
C LEU B 285 -40.85 -20.06 12.71
N ASP B 286 -41.61 -19.32 11.91
CA ASP B 286 -42.78 -18.60 12.42
C ASP B 286 -43.75 -18.24 11.29
N GLU B 287 -44.75 -19.09 11.03
CA GLU B 287 -45.53 -18.99 9.79
C GLU B 287 -46.30 -17.67 9.58
N GLU B 288 -47.12 -17.32 10.56
CA GLU B 288 -47.98 -16.14 10.47
C GLU B 288 -47.12 -14.91 10.35
N ARG B 289 -45.98 -14.94 11.03
CA ARG B 289 -45.01 -13.86 10.96
C ARG B 289 -44.33 -13.83 9.58
N ARG B 290 -44.04 -15.02 9.06
CA ARG B 290 -43.37 -15.16 7.77
C ARG B 290 -44.22 -14.58 6.63
N ARG B 291 -45.50 -14.94 6.62
CA ARG B 291 -46.40 -14.41 5.58
C ARG B 291 -46.44 -12.87 5.61
N LYS B 292 -46.47 -12.33 6.83
CA LYS B 292 -46.46 -10.88 7.02
C LYS B 292 -45.15 -10.25 6.55
N LEU B 293 -44.03 -10.84 6.94
CA LEU B 293 -42.74 -10.34 6.47
C LEU B 293 -42.63 -10.40 4.93
N ILE B 294 -43.13 -11.47 4.33
CA ILE B 294 -43.07 -11.62 2.88
C ILE B 294 -43.92 -10.54 2.21
N THR B 295 -45.11 -10.32 2.76
CA THR B 295 -45.96 -9.24 2.28
C THR B 295 -45.23 -7.89 2.38
N ILE B 296 -44.65 -7.62 3.54
CA ILE B 296 -43.91 -6.36 3.71
C ILE B 296 -42.73 -6.26 2.74
N MET B 297 -42.02 -7.36 2.50
CA MET B 297 -40.92 -7.32 1.55
C MET B 297 -41.43 -6.99 0.15
N GLU B 298 -42.45 -7.73 -0.28
CA GLU B 298 -42.97 -7.61 -1.65
C GLU B 298 -43.59 -6.24 -1.89
N ARG B 299 -44.35 -5.74 -0.93
CA ARG B 299 -45.08 -4.51 -1.17
C ARG B 299 -44.33 -3.24 -0.78
N TYR B 300 -43.42 -3.33 0.18
CA TYR B 300 -42.91 -2.10 0.78
C TYR B 300 -41.41 -2.01 0.84
N LEU B 301 -40.73 -3.09 1.23
CA LEU B 301 -39.30 -3.02 1.33
C LEU B 301 -38.68 -2.98 -0.07
N LYS B 302 -39.43 -3.46 -1.08
CA LYS B 302 -38.94 -3.34 -2.45
C LYS B 302 -38.86 -1.88 -2.91
N LYS B 303 -39.38 -0.94 -2.13
CA LYS B 303 -39.26 0.48 -2.47
C LYS B 303 -37.86 1.01 -2.21
N ILE B 304 -37.10 0.31 -1.39
CA ILE B 304 -35.81 0.79 -0.92
C ILE B 304 -34.76 0.40 -1.98
N PRO B 305 -33.83 1.30 -2.30
CA PRO B 305 -32.90 0.99 -3.39
C PRO B 305 -32.16 -0.36 -3.24
N GLN B 306 -31.66 -0.65 -2.06
CA GLN B 306 -31.03 -1.92 -1.79
C GLN B 306 -31.32 -2.37 -0.36
N VAL B 307 -31.73 -3.62 -0.22
CA VAL B 307 -31.90 -4.26 1.07
C VAL B 307 -31.08 -5.54 1.08
N ILE B 308 -30.37 -5.75 2.18
CA ILE B 308 -29.62 -6.96 2.37
C ILE B 308 -30.24 -7.60 3.58
N LEU B 309 -30.84 -8.76 3.38
CA LEU B 309 -31.60 -9.44 4.40
C LEU B 309 -30.94 -10.78 4.63
N VAL B 310 -30.41 -10.95 5.85
CA VAL B 310 -29.74 -12.17 6.26
C VAL B 310 -30.69 -12.96 7.14
N SER B 311 -30.96 -14.20 6.76
CA SER B 311 -31.89 -15.03 7.47
C SER B 311 -31.55 -16.50 7.27
N HIS B 312 -32.18 -17.33 8.08
CA HIS B 312 -32.09 -18.77 7.94
C HIS B 312 -33.33 -19.27 7.20
N ASP B 313 -34.35 -18.42 7.05
CA ASP B 313 -35.64 -18.88 6.50
C ASP B 313 -35.65 -18.95 4.97
N GLU B 314 -35.50 -20.16 4.44
CA GLU B 314 -35.57 -20.43 3.00
C GLU B 314 -36.82 -19.83 2.37
N GLU B 315 -37.92 -19.86 3.10
CA GLU B 315 -39.23 -19.49 2.58
C GLU B 315 -39.32 -18.02 2.19
N LEU B 316 -38.39 -17.20 2.68
CA LEU B 316 -38.35 -15.80 2.25
C LEU B 316 -37.82 -15.60 0.81
N LYS B 317 -37.28 -16.66 0.21
CA LYS B 317 -36.74 -16.61 -1.17
C LYS B 317 -37.72 -16.01 -2.16
N ASP B 318 -38.97 -16.37 -1.99
CA ASP B 318 -40.01 -16.00 -2.92
C ASP B 318 -40.26 -14.50 -2.94
N ALA B 319 -39.75 -13.74 -1.96
CA ALA B 319 -40.00 -12.31 -1.99
C ALA B 319 -38.73 -11.51 -2.26
N ALA B 320 -37.65 -12.21 -2.57
CA ALA B 320 -36.37 -11.59 -2.75
C ALA B 320 -36.08 -11.37 -4.26
N ASP B 321 -35.31 -10.37 -4.60
CA ASP B 321 -34.91 -10.15 -5.99
C ASP B 321 -33.69 -10.99 -6.34
N HIS B 322 -32.82 -11.22 -5.34
CA HIS B 322 -31.57 -11.95 -5.52
C HIS B 322 -31.38 -12.80 -4.28
N VAL B 323 -30.99 -14.06 -4.49
CA VAL B 323 -30.88 -15.03 -3.40
C VAL B 323 -29.52 -15.66 -3.50
N ILE B 324 -28.79 -15.55 -2.39
CA ILE B 324 -27.51 -16.17 -2.21
C ILE B 324 -27.57 -17.13 -1.00
N ARG B 325 -27.12 -18.36 -1.18
CA ARG B 325 -27.02 -19.31 -0.08
C ARG B 325 -25.57 -19.41 0.37
N ILE B 326 -25.36 -19.27 1.68
CA ILE B 326 -24.04 -19.46 2.26
C ILE B 326 -24.03 -20.67 3.17
N SER B 327 -23.04 -21.54 2.99
CA SER B 327 -22.94 -22.72 3.82
C SER B 327 -21.50 -23.10 4.16
N LEU B 328 -21.34 -23.96 5.17
CA LEU B 328 -20.02 -24.52 5.50
C LEU B 328 -19.81 -25.82 4.77
N GLU B 329 -18.61 -25.94 4.22
CA GLU B 329 -18.15 -27.15 3.57
C GLU B 329 -16.69 -27.27 3.95
N ASN B 330 -16.33 -28.38 4.60
CA ASN B 330 -14.96 -28.57 5.07
C ASN B 330 -14.52 -27.41 5.95
N GLY B 331 -15.46 -26.90 6.76
CA GLY B 331 -15.15 -25.83 7.69
C GLY B 331 -15.11 -24.46 7.04
N SER B 332 -15.32 -24.37 5.73
CA SER B 332 -15.25 -23.08 5.04
C SER B 332 -16.57 -22.66 4.48
N SER B 333 -16.78 -21.35 4.47
CA SER B 333 -17.99 -20.78 3.90
C SER B 333 -17.92 -20.91 2.36
N LYS B 334 -19.05 -21.29 1.78
CA LYS B 334 -19.18 -21.52 0.35
C LYS B 334 -20.41 -20.72 -0.06
N VAL B 335 -20.31 -20.07 -1.22
CA VAL B 335 -21.36 -19.17 -1.70
C VAL B 335 -22.01 -19.74 -2.92
N GLU B 336 -23.33 -19.83 -2.92
CA GLU B 336 -24.06 -20.28 -4.10
C GLU B 336 -25.05 -19.19 -4.47
N VAL B 337 -24.92 -18.70 -5.70
CA VAL B 337 -25.85 -17.71 -6.22
C VAL B 337 -27.05 -18.45 -6.76
N VAL B 338 -28.22 -18.20 -6.18
CA VAL B 338 -29.44 -18.85 -6.60
C VAL B 338 -30.12 -18.00 -7.68
N SER B 339 -30.12 -16.68 -7.47
CA SER B 339 -30.64 -15.73 -8.43
C SER B 339 -29.99 -14.36 -8.21
#